data_5ODK
#
_entry.id   5ODK
#
_cell.length_a   50.770
_cell.length_b   103.620
_cell.length_c   59.290
_cell.angle_alpha   90.00
_cell.angle_beta   111.09
_cell.angle_gamma   90.00
#
_symmetry.space_group_name_H-M   'P 1 21 1'
#
loop_
_entity.id
_entity.type
_entity.pdbx_description
1 polymer 'single-stranded DNA-binding protein'
2 non-polymer 'PHOSPHATE ION'
3 non-polymer GLYCEROL
4 water water
#
_entity_poly.entity_id   1
_entity_poly.type   'polypeptide(L)'
_entity_poly.pdbx_seq_one_letter_code
;GLAEKLVPAKKVKNGVLYKSGHIKVSNVRCSYPHLDKPYGGEDGGEPKYSITLLMPKDTHGAIKKIIDEQIELTKKNHKT
GALKVAPSMLFIKDGDVDFPDKPECEGMWVISARESTRPDVLNMEREELESPNEIAEEIYGGCWVSSVIRPWSQENKYGK
RINANLLSVLKRKDDEPFGE
;
_entity_poly.pdbx_strand_id   A,B,C
#
loop_
_chem_comp.id
_chem_comp.type
_chem_comp.name
_chem_comp.formula
GOL non-polymer GLYCEROL 'C3 H8 O3'
PO4 non-polymer 'PHOSPHATE ION' 'O4 P -3'
#
# COMPACT_ATOMS: atom_id res chain seq x y z
N GLY A 1 -18.06 16.50 -14.72
CA GLY A 1 -17.10 15.84 -13.78
C GLY A 1 -17.79 14.89 -12.83
N LEU A 2 -17.07 14.56 -11.79
CA LEU A 2 -17.54 13.52 -10.89
C LEU A 2 -18.86 13.90 -10.19
N ALA A 3 -18.92 15.13 -9.72
CA ALA A 3 -20.06 15.61 -8.92
C ALA A 3 -21.41 15.36 -9.59
N GLU A 4 -21.46 15.50 -10.91
CA GLU A 4 -22.73 15.42 -11.63
C GLU A 4 -23.20 13.97 -11.74
N LYS A 5 -22.28 13.02 -11.55
CA LYS A 5 -22.57 11.59 -11.72
C LYS A 5 -22.97 10.88 -10.43
N LEU A 6 -22.54 11.42 -9.31
CA LEU A 6 -22.76 10.75 -8.02
C LEU A 6 -24.20 10.82 -7.56
N VAL A 7 -24.64 9.77 -6.90
CA VAL A 7 -26.03 9.64 -6.48
C VAL A 7 -26.02 9.56 -4.95
N PRO A 8 -26.50 10.59 -4.26
CA PRO A 8 -26.47 10.55 -2.78
C PRO A 8 -27.26 9.41 -2.17
N ALA A 9 -26.69 8.81 -1.12
CA ALA A 9 -27.40 7.86 -0.29
C ALA A 9 -27.81 8.50 1.07
N LYS A 10 -26.91 9.24 1.69
CA LYS A 10 -27.16 9.84 3.01
C LYS A 10 -26.33 11.11 3.13
N LYS A 11 -26.96 12.22 3.48
CA LYS A 11 -26.30 13.51 3.74
C LYS A 11 -26.31 13.76 5.26
N VAL A 12 -25.15 14.09 5.82
CA VAL A 12 -25.01 14.46 7.24
C VAL A 12 -24.25 15.79 7.35
N LYS A 13 -24.09 16.33 8.55
CA LYS A 13 -23.29 17.56 8.72
C LYS A 13 -21.91 17.29 8.10
N ASN A 14 -21.51 18.17 7.18
CA ASN A 14 -20.17 18.10 6.62
C ASN A 14 -19.82 16.80 5.90
N GLY A 15 -20.80 16.11 5.33
CA GLY A 15 -20.48 14.92 4.59
C GLY A 15 -21.61 14.31 3.82
N VAL A 16 -21.26 13.47 2.86
CA VAL A 16 -22.25 12.73 2.07
C VAL A 16 -21.71 11.32 1.78
N LEU A 17 -22.57 10.33 1.96
CA LEU A 17 -22.33 8.98 1.47
C LEU A 17 -23.13 8.82 0.21
N TYR A 18 -22.50 8.30 -0.83
CA TYR A 18 -23.14 8.07 -2.12
C TYR A 18 -23.47 6.58 -2.27
N LYS A 19 -24.42 6.30 -3.15
CA LYS A 19 -24.86 4.94 -3.38
C LYS A 19 -23.76 4.01 -3.85
N SER A 20 -22.79 4.58 -4.59
CA SER A 20 -21.65 3.91 -5.13
C SER A 20 -20.50 3.73 -4.12
N GLY A 21 -20.68 4.18 -2.89
CA GLY A 21 -19.68 4.06 -1.83
C GLY A 21 -18.73 5.22 -1.71
N HIS A 22 -18.78 6.17 -2.66
CA HIS A 22 -18.04 7.40 -2.50
C HIS A 22 -18.44 8.14 -1.24
N ILE A 23 -17.50 8.87 -0.69
CA ILE A 23 -17.70 9.63 0.52
C ILE A 23 -17.21 11.05 0.26
N LYS A 24 -18.07 12.04 0.48
CA LYS A 24 -17.65 13.45 0.49
C LYS A 24 -17.38 13.87 1.93
N VAL A 25 -16.18 14.37 2.20
CA VAL A 25 -15.84 15.02 3.46
C VAL A 25 -15.75 16.50 3.18
N SER A 26 -16.59 17.27 3.85
CA SER A 26 -16.73 18.70 3.54
C SER A 26 -16.08 19.55 4.60
N ASN A 27 -15.47 20.65 4.19
CA ASN A 27 -14.93 21.65 5.12
C ASN A 27 -13.87 21.04 6.04
N VAL A 28 -12.80 20.64 5.39
CA VAL A 28 -11.63 20.05 6.05
C VAL A 28 -10.41 20.85 5.62
N ARG A 29 -9.35 20.82 6.43
CA ARG A 29 -8.17 21.59 6.08
C ARG A 29 -7.18 20.68 5.37
N CYS A 30 -6.61 21.15 4.28
CA CYS A 30 -5.70 20.29 3.60
C CYS A 30 -4.25 20.51 3.97
N SER A 31 -3.48 19.47 3.70
N SER A 31 -3.47 19.44 3.82
CA SER A 31 -2.08 19.41 4.01
CA SER A 31 -2.02 19.52 3.99
C SER A 31 -1.39 18.58 2.90
C SER A 31 -1.38 18.60 2.96
N TYR A 32 -0.15 18.95 2.59
CA TYR A 32 0.66 18.20 1.63
C TYR A 32 -0.07 17.91 0.31
N PRO A 33 -0.69 18.95 -0.30
CA PRO A 33 -1.33 18.68 -1.58
C PRO A 33 -0.34 18.37 -2.70
N HIS A 34 -0.66 17.32 -3.45
CA HIS A 34 0.02 16.96 -4.71
C HIS A 34 -1.03 16.66 -5.72
N LEU A 35 -1.60 17.76 -6.21
CA LEU A 35 -2.72 17.74 -7.16
C LEU A 35 -2.32 18.21 -8.55
N ASP A 36 -1.17 18.85 -8.62
CA ASP A 36 -0.69 19.48 -9.82
C ASP A 36 -0.04 18.50 -10.77
N LYS A 37 0.83 17.69 -10.20
CA LYS A 37 1.60 16.72 -10.91
C LYS A 37 1.77 15.57 -9.92
N PRO A 38 1.88 14.35 -10.46
CA PRO A 38 2.05 13.25 -9.54
C PRO A 38 3.48 13.18 -9.00
N TYR A 39 3.60 12.48 -7.88
CA TYR A 39 4.67 12.65 -6.92
C TYR A 39 4.84 11.34 -6.17
N PRO A 47 3.23 6.77 -10.62
CA PRO A 47 3.27 8.06 -9.91
C PRO A 47 1.91 8.36 -9.27
N LYS A 48 1.86 9.13 -8.16
CA LYS A 48 0.58 9.42 -7.51
C LYS A 48 0.31 10.91 -7.18
N TYR A 49 -0.94 11.23 -7.34
CA TYR A 49 -1.53 12.44 -6.76
C TYR A 49 -1.94 12.13 -5.31
N SER A 50 -1.91 13.12 -4.45
CA SER A 50 -2.25 12.86 -3.04
C SER A 50 -2.67 14.11 -2.31
N ILE A 51 -3.26 13.93 -1.15
CA ILE A 51 -3.55 15.00 -0.23
C ILE A 51 -3.75 14.40 1.16
N THR A 52 -3.50 15.20 2.18
CA THR A 52 -3.91 14.89 3.54
C THR A 52 -5.05 15.85 3.89
N LEU A 53 -6.07 15.32 4.55
CA LEU A 53 -7.24 16.10 4.97
C LEU A 53 -7.30 16.07 6.47
N LEU A 54 -7.37 17.25 7.09
CA LEU A 54 -7.47 17.39 8.52
C LEU A 54 -8.91 17.72 8.83
N MET A 55 -9.61 16.76 9.44
CA MET A 55 -11.04 16.86 9.60
C MET A 55 -11.37 17.14 11.08
N PRO A 56 -11.87 18.36 11.41
CA PRO A 56 -12.15 18.67 12.83
C PRO A 56 -13.13 17.70 13.46
N LYS A 57 -12.70 17.09 14.56
CA LYS A 57 -13.53 16.06 15.21
C LYS A 57 -14.88 16.59 15.66
N ASP A 58 -14.90 17.82 16.19
CA ASP A 58 -16.11 18.35 16.82
C ASP A 58 -17.21 18.64 15.85
N THR A 59 -16.90 18.80 14.56
CA THR A 59 -17.91 19.08 13.52
C THR A 59 -18.04 17.99 12.46
N HIS A 60 -17.38 16.86 12.66
CA HIS A 60 -17.39 15.78 11.67
C HIS A 60 -17.64 14.41 12.27
N GLY A 61 -18.32 14.35 13.43
CA GLY A 61 -18.57 13.06 14.04
C GLY A 61 -19.38 12.09 13.20
N ALA A 62 -20.47 12.56 12.62
CA ALA A 62 -21.33 11.68 11.83
C ALA A 62 -20.65 11.15 10.59
N ILE A 63 -19.94 12.01 9.88
CA ILE A 63 -19.25 11.54 8.69
C ILE A 63 -18.10 10.61 9.05
N LYS A 64 -17.43 10.85 10.18
CA LYS A 64 -16.42 9.90 10.61
C LYS A 64 -17.04 8.53 10.90
N LYS A 65 -18.21 8.50 11.54
CA LYS A 65 -18.92 7.25 11.80
C LYS A 65 -19.23 6.49 10.50
N ILE A 66 -19.68 7.23 9.50
CA ILE A 66 -19.94 6.65 8.20
C ILE A 66 -18.64 6.09 7.61
N ILE A 67 -17.56 6.88 7.70
CA ILE A 67 -16.26 6.41 7.19
C ILE A 67 -15.87 5.09 7.85
N ASP A 68 -16.05 4.98 9.18
CA ASP A 68 -15.71 3.73 9.84
C ASP A 68 -16.54 2.56 9.28
N GLU A 69 -17.82 2.81 9.08
CA GLU A 69 -18.72 1.80 8.52
C GLU A 69 -18.30 1.37 7.13
N GLN A 70 -17.89 2.34 6.31
CA GLN A 70 -17.47 2.05 4.95
C GLN A 70 -16.14 1.32 4.92
N ILE A 71 -15.25 1.63 5.87
CA ILE A 71 -14.03 0.83 6.05
C ILE A 71 -14.33 -0.65 6.35
N GLU A 72 -15.32 -0.92 7.21
CA GLU A 72 -15.70 -2.29 7.49
C GLU A 72 -16.25 -3.00 6.25
N LEU A 73 -17.04 -2.29 5.46
CA LEU A 73 -17.60 -2.88 4.24
C LEU A 73 -16.48 -3.22 3.27
N THR A 74 -15.49 -2.32 3.21
CA THR A 74 -14.39 -2.50 2.27
C THR A 74 -13.55 -3.73 2.67
N LYS A 75 -13.32 -3.90 3.98
CA LYS A 75 -12.64 -5.11 4.46
C LYS A 75 -13.40 -6.36 4.01
N LYS A 76 -14.73 -6.32 4.18
CA LYS A 76 -15.57 -7.49 3.93
C LYS A 76 -15.50 -7.95 2.48
N ASN A 77 -15.35 -6.97 1.57
CA ASN A 77 -15.45 -7.24 0.13
C ASN A 77 -14.12 -7.33 -0.59
N HIS A 78 -13.05 -7.49 0.17
CA HIS A 78 -11.74 -7.65 -0.44
C HIS A 78 -11.65 -8.86 -1.37
N LYS A 79 -10.86 -8.75 -2.42
CA LYS A 79 -10.87 -9.77 -3.47
C LYS A 79 -10.35 -11.14 -3.10
N THR A 80 -9.59 -11.27 -2.01
CA THR A 80 -9.19 -12.62 -1.54
C THR A 80 -10.06 -13.13 -0.40
N GLY A 81 -11.20 -12.48 -0.17
CA GLY A 81 -12.08 -12.73 0.98
C GLY A 81 -11.86 -11.68 2.02
N ALA A 82 -12.66 -11.71 3.07
CA ALA A 82 -12.59 -10.70 4.11
C ALA A 82 -11.16 -10.49 4.58
N LEU A 83 -10.77 -9.22 4.64
CA LEU A 83 -9.41 -8.83 4.96
C LEU A 83 -9.38 -8.25 6.39
N LYS A 84 -8.42 -8.67 7.19
CA LYS A 84 -8.23 -8.08 8.51
C LYS A 84 -7.15 -6.99 8.39
N VAL A 85 -7.45 -5.79 8.89
CA VAL A 85 -6.51 -4.67 8.83
C VAL A 85 -6.42 -3.99 10.20
N ALA A 86 -5.19 -3.77 10.65
CA ALA A 86 -4.97 -3.12 11.94
C ALA A 86 -5.26 -1.62 11.79
N PRO A 87 -5.67 -0.95 12.87
CA PRO A 87 -5.90 0.50 12.77
C PRO A 87 -4.73 1.32 12.21
N SER A 88 -3.51 0.90 12.45
CA SER A 88 -2.34 1.62 11.93
C SER A 88 -2.20 1.59 10.42
N MET A 89 -2.99 0.73 9.76
CA MET A 89 -2.92 0.52 8.33
C MET A 89 -4.19 1.01 7.63
N LEU A 90 -4.92 1.90 8.29
CA LEU A 90 -6.07 2.56 7.69
C LEU A 90 -5.69 3.97 7.19
N PHE A 91 -6.49 4.45 6.24
CA PHE A 91 -6.24 5.80 5.69
C PHE A 91 -6.64 6.93 6.64
N ILE A 92 -7.33 6.61 7.74
CA ILE A 92 -7.79 7.63 8.70
C ILE A 92 -7.11 7.33 10.03
N LYS A 93 -6.55 8.36 10.63
CA LYS A 93 -5.80 8.26 11.88
C LYS A 93 -6.23 9.37 12.84
N ASP A 94 -5.91 9.18 14.11
CA ASP A 94 -6.30 10.10 15.17
C ASP A 94 -5.20 11.16 15.38
N GLY A 95 -5.51 12.41 15.01
CA GLY A 95 -4.57 13.47 15.16
C GLY A 95 -4.08 13.76 16.57
N ASP A 96 -4.90 13.43 17.56
CA ASP A 96 -4.52 13.62 18.95
C ASP A 96 -3.65 12.51 19.51
N VAL A 97 -3.47 11.40 18.78
CA VAL A 97 -2.55 10.30 19.21
C VAL A 97 -1.32 10.05 18.29
N ASP A 98 -1.52 10.12 16.98
CA ASP A 98 -0.56 9.63 15.98
C ASP A 98 0.33 10.66 15.30
N PHE A 99 0.20 11.90 15.77
CA PHE A 99 0.90 13.03 15.18
C PHE A 99 1.43 13.97 16.22
N PRO A 100 2.17 13.45 17.20
CA PRO A 100 2.50 14.27 18.38
C PRO A 100 3.27 15.57 18.13
N ASP A 101 4.09 15.59 17.08
CA ASP A 101 4.94 16.71 16.80
C ASP A 101 4.39 17.57 15.64
N LYS A 102 3.11 17.37 15.30
CA LYS A 102 2.44 18.12 14.25
C LYS A 102 1.19 18.82 14.82
N PRO A 103 1.34 20.07 15.34
CA PRO A 103 0.23 20.80 16.04
C PRO A 103 -1.07 21.11 15.25
N GLU A 104 -0.96 21.23 13.94
CA GLU A 104 -2.14 21.40 13.12
C GLU A 104 -3.07 20.19 13.14
N CYS A 105 -2.58 19.05 13.66
CA CYS A 105 -3.39 17.83 13.78
C CYS A 105 -4.22 17.74 15.08
N GLU A 106 -4.07 18.70 15.97
CA GLU A 106 -4.79 18.66 17.24
C GLU A 106 -6.30 18.77 16.97
N GLY A 107 -7.06 17.90 17.61
CA GLY A 107 -8.50 17.88 17.43
C GLY A 107 -8.96 17.48 16.04
N MET A 108 -8.10 16.77 15.31
CA MET A 108 -8.40 16.36 13.94
C MET A 108 -8.38 14.86 13.74
N TRP A 109 -9.25 14.37 12.85
CA TRP A 109 -9.01 13.11 12.15
C TRP A 109 -8.11 13.43 10.97
N VAL A 110 -7.15 12.55 10.67
CA VAL A 110 -6.18 12.79 9.59
C VAL A 110 -6.43 11.76 8.54
N ILE A 111 -6.83 12.19 7.35
CA ILE A 111 -7.13 11.31 6.25
C ILE A 111 -6.07 11.46 5.17
N SER A 112 -5.53 10.33 4.69
CA SER A 112 -4.62 10.33 3.56
CA SER A 112 -4.60 10.31 3.57
C SER A 112 -5.29 9.69 2.39
N ALA A 113 -5.29 10.38 1.24
CA ALA A 113 -5.93 9.86 0.03
C ALA A 113 -4.97 10.07 -1.12
N ARG A 114 -4.97 9.13 -2.07
CA ARG A 114 -4.05 9.14 -3.21
C ARG A 114 -4.75 8.62 -4.44
N GLU A 115 -4.19 8.89 -5.61
CA GLU A 115 -4.68 8.28 -6.84
C GLU A 115 -3.59 8.36 -7.90
N SER A 116 -3.65 7.44 -8.87
CA SER A 116 -2.69 7.51 -9.98
CA SER A 116 -2.75 7.43 -10.03
C SER A 116 -3.15 8.40 -11.11
N THR A 117 -4.40 8.79 -11.12
CA THR A 117 -4.88 9.76 -12.09
C THR A 117 -5.35 11.02 -11.40
N ARG A 118 -5.28 12.18 -12.08
CA ARG A 118 -5.55 13.43 -11.40
C ARG A 118 -7.03 13.49 -10.98
N PRO A 119 -7.26 13.82 -9.70
CA PRO A 119 -8.66 14.06 -9.29
C PRO A 119 -9.23 15.31 -9.95
N ASP A 120 -10.54 15.44 -9.95
CA ASP A 120 -11.11 16.72 -10.31
C ASP A 120 -10.58 17.72 -9.30
N VAL A 121 -10.16 18.90 -9.77
CA VAL A 121 -9.67 19.96 -8.90
C VAL A 121 -10.46 21.21 -9.23
N LEU A 122 -11.30 21.64 -8.28
CA LEU A 122 -12.19 22.75 -8.51
C LEU A 122 -11.78 23.94 -7.66
N ASN A 123 -11.82 25.12 -8.29
CA ASN A 123 -11.58 26.35 -7.59
C ASN A 123 -12.80 26.74 -6.74
N MET A 124 -12.70 27.87 -6.07
CA MET A 124 -13.76 28.31 -5.19
C MET A 124 -15.12 28.52 -5.88
N GLU A 125 -15.04 28.88 -7.17
CA GLU A 125 -16.22 29.02 -8.02
C GLU A 125 -16.70 27.71 -8.66
N ARG A 126 -16.18 26.57 -8.18
CA ARG A 126 -16.59 25.26 -8.65
C ARG A 126 -16.26 25.02 -10.14
N GLU A 127 -15.16 25.63 -10.55
CA GLU A 127 -14.64 25.46 -11.93
C GLU A 127 -13.43 24.54 -11.91
N GLU A 128 -13.41 23.58 -12.85
CA GLU A 128 -12.25 22.70 -12.99
C GLU A 128 -11.02 23.49 -13.44
N LEU A 129 -9.94 23.26 -12.72
CA LEU A 129 -8.65 23.78 -13.07
C LEU A 129 -7.89 22.78 -13.91
N GLU A 130 -6.99 23.30 -14.74
CA GLU A 130 -6.19 22.45 -15.61
C GLU A 130 -4.69 22.71 -15.46
N SER A 131 -4.27 23.95 -15.37
CA SER A 131 -2.84 24.28 -15.28
C SER A 131 -2.24 23.74 -14.00
N PRO A 132 -1.16 22.94 -14.08
CA PRO A 132 -0.52 22.55 -12.84
C PRO A 132 -0.12 23.70 -11.92
N ASN A 133 0.46 24.77 -12.48
CA ASN A 133 0.86 25.89 -11.63
C ASN A 133 -0.36 26.52 -10.96
N GLU A 134 -1.47 26.64 -11.67
CA GLU A 134 -2.70 27.22 -11.08
C GLU A 134 -3.25 26.31 -9.99
N ILE A 135 -3.24 25.01 -10.24
CA ILE A 135 -3.70 24.04 -9.22
C ILE A 135 -2.89 24.16 -7.96
N ALA A 136 -1.57 24.24 -8.10
CA ALA A 136 -0.71 24.35 -6.92
C ALA A 136 -0.94 25.66 -6.15
N GLU A 137 -1.14 26.76 -6.88
CA GLU A 137 -1.42 28.04 -6.24
C GLU A 137 -2.77 28.08 -5.54
N GLU A 138 -3.78 27.48 -6.19
CA GLU A 138 -5.17 27.56 -5.70
C GLU A 138 -5.32 26.79 -4.39
N ILE A 139 -4.82 25.57 -4.38
CA ILE A 139 -5.03 24.65 -3.24
C ILE A 139 -3.66 24.39 -2.58
N TYR A 140 -3.36 25.19 -1.58
CA TYR A 140 -2.11 25.13 -0.87
C TYR A 140 -2.36 24.47 0.50
N GLY A 141 -1.33 23.89 1.09
CA GLY A 141 -1.46 23.32 2.41
C GLY A 141 -1.86 24.41 3.39
N GLY A 142 -2.93 24.16 4.13
CA GLY A 142 -3.48 25.14 5.06
C GLY A 142 -4.82 25.70 4.64
N CYS A 143 -5.16 25.64 3.36
CA CYS A 143 -6.48 26.04 2.93
C CYS A 143 -7.53 24.99 3.30
N TRP A 144 -8.80 25.38 3.19
CA TRP A 144 -9.91 24.46 3.44
C TRP A 144 -10.52 24.03 2.14
N VAL A 145 -10.93 22.77 2.10
CA VAL A 145 -11.46 22.08 0.92
C VAL A 145 -12.62 21.19 1.30
N SER A 146 -13.29 20.67 0.29
CA SER A 146 -14.15 19.51 0.40
C SER A 146 -13.65 18.50 -0.58
N SER A 147 -13.74 17.22 -0.27
CA SER A 147 -13.12 16.21 -1.12
C SER A 147 -13.97 14.97 -1.19
N VAL A 148 -14.00 14.34 -2.35
CA VAL A 148 -14.62 13.03 -2.54
C VAL A 148 -13.54 11.97 -2.62
N ILE A 149 -13.71 10.95 -1.77
CA ILE A 149 -12.79 9.84 -1.66
C ILE A 149 -13.59 8.53 -1.74
N ARG A 150 -12.89 7.43 -1.91
CA ARG A 150 -13.55 6.12 -1.78
C ARG A 150 -12.54 5.11 -1.30
N PRO A 151 -12.89 4.31 -0.29
CA PRO A 151 -11.93 3.31 0.19
C PRO A 151 -11.65 2.20 -0.83
N TRP A 152 -10.50 1.57 -0.67
CA TRP A 152 -10.14 0.33 -1.37
C TRP A 152 -9.20 -0.47 -0.49
N SER A 153 -9.17 -1.77 -0.73
CA SER A 153 -8.40 -2.68 0.09
C SER A 153 -7.16 -3.15 -0.65
N GLN A 154 -6.08 -3.31 0.12
CA GLN A 154 -4.81 -3.74 -0.43
C GLN A 154 -4.19 -4.83 0.41
N GLU A 155 -3.67 -5.86 -0.26
CA GLU A 155 -2.99 -6.94 0.40
C GLU A 155 -1.82 -7.36 -0.48
N ASN A 156 -0.62 -7.08 0.00
CA ASN A 156 0.60 -7.44 -0.72
C ASN A 156 1.73 -7.64 0.26
N LYS A 157 2.94 -7.84 -0.25
CA LYS A 157 4.06 -8.13 0.63
C LYS A 157 4.40 -6.97 1.60
N TYR A 158 3.94 -5.76 1.31
CA TYR A 158 4.18 -4.63 2.19
C TYR A 158 3.14 -4.49 3.28
N GLY A 159 2.09 -5.30 3.22
CA GLY A 159 1.07 -5.36 4.28
C GLY A 159 -0.36 -5.33 3.77
N LYS A 160 -1.25 -5.27 4.73
CA LYS A 160 -2.68 -5.26 4.53
C LYS A 160 -3.22 -3.91 4.97
N ARG A 161 -3.90 -3.20 4.05
CA ARG A 161 -4.29 -1.81 4.29
C ARG A 161 -5.69 -1.56 3.78
N ILE A 162 -6.34 -0.56 4.36
CA ILE A 162 -7.49 0.07 3.72
C ILE A 162 -7.03 1.49 3.37
N ASN A 163 -7.01 1.76 2.07
CA ASN A 163 -6.55 3.02 1.50
C ASN A 163 -7.76 3.81 1.04
N ALA A 164 -7.53 5.06 0.63
CA ALA A 164 -8.58 5.91 0.08
C ALA A 164 -8.13 6.48 -1.28
N ASN A 165 -8.94 6.24 -2.29
CA ASN A 165 -8.79 6.91 -3.57
C ASN A 165 -9.22 8.36 -3.42
N LEU A 166 -8.43 9.24 -4.03
CA LEU A 166 -8.70 10.67 -4.09
C LEU A 166 -9.34 10.98 -5.41
N LEU A 167 -10.62 11.40 -5.40
CA LEU A 167 -11.38 11.54 -6.65
C LEU A 167 -11.74 12.98 -6.99
N SER A 168 -11.87 13.85 -6.01
CA SER A 168 -12.09 15.27 -6.28
C SER A 168 -11.65 16.09 -5.10
N VAL A 169 -11.22 17.33 -5.35
CA VAL A 169 -10.92 18.32 -4.34
C VAL A 169 -11.52 19.64 -4.79
N LEU A 170 -12.29 20.28 -3.93
CA LEU A 170 -12.96 21.57 -4.15
C LEU A 170 -12.42 22.57 -3.15
N LYS A 171 -11.88 23.69 -3.61
CA LYS A 171 -11.46 24.74 -2.72
C LYS A 171 -12.68 25.39 -2.05
N ARG A 172 -12.62 25.55 -0.73
CA ARG A 172 -13.68 26.15 0.05
C ARG A 172 -13.32 27.48 0.68
N LYS A 173 -12.16 27.60 1.30
CA LYS A 173 -11.80 28.83 2.01
C LYS A 173 -10.29 28.97 2.11
N ASP A 174 -9.81 30.21 2.03
CA ASP A 174 -8.42 30.48 2.32
C ASP A 174 -8.18 30.51 3.82
N ASP A 175 -6.94 30.17 4.20
CA ASP A 175 -6.50 30.26 5.60
C ASP A 175 -4.98 30.33 5.60
N GLU A 176 -4.37 30.45 6.77
CA GLU A 176 -2.92 30.55 6.88
C GLU A 176 -2.24 29.33 6.27
N PRO A 177 -1.27 29.55 5.35
CA PRO A 177 -0.55 28.39 4.81
C PRO A 177 0.29 27.67 5.85
N PHE A 178 0.33 26.34 5.75
CA PHE A 178 1.24 25.58 6.59
C PHE A 178 2.70 25.75 6.12
N GLY A 179 2.94 26.08 4.85
CA GLY A 179 4.33 26.26 4.35
C GLY A 179 5.12 24.96 4.25
N GLU A 180 4.43 23.95 3.78
CA GLU A 180 4.99 22.64 3.52
C GLU A 180 5.70 22.73 2.15
N LEU B 2 -9.20 -17.73 0.04
CA LEU B 2 -10.52 -17.30 -0.51
C LEU B 2 -11.61 -18.36 -0.39
N ALA B 3 -11.29 -19.60 -0.79
CA ALA B 3 -12.26 -20.71 -0.80
C ALA B 3 -12.97 -20.90 0.55
N GLU B 4 -12.23 -20.75 1.64
CA GLU B 4 -12.79 -20.91 2.99
C GLU B 4 -13.65 -19.69 3.37
N LYS B 5 -13.36 -18.53 2.76
CA LYS B 5 -14.00 -17.29 3.15
C LYS B 5 -15.26 -16.94 2.38
N LEU B 6 -15.46 -17.48 1.18
CA LEU B 6 -16.59 -17.04 0.37
C LEU B 6 -17.96 -17.48 0.80
N VAL B 7 -18.94 -16.58 0.62
CA VAL B 7 -20.32 -16.81 1.08
C VAL B 7 -21.26 -16.79 -0.14
N PRO B 8 -21.87 -17.93 -0.49
CA PRO B 8 -22.74 -17.92 -1.66
C PRO B 8 -23.95 -16.99 -1.52
N ALA B 9 -24.28 -16.33 -2.62
CA ALA B 9 -25.49 -15.53 -2.76
C ALA B 9 -26.54 -16.24 -3.60
N LYS B 10 -26.10 -16.88 -4.67
CA LYS B 10 -26.98 -17.60 -5.58
C LYS B 10 -26.21 -18.73 -6.28
N LYS B 11 -26.82 -19.91 -6.38
CA LYS B 11 -26.21 -21.07 -7.05
C LYS B 11 -27.09 -21.40 -8.24
N VAL B 12 -26.46 -21.64 -9.38
CA VAL B 12 -27.11 -22.06 -10.61
C VAL B 12 -26.35 -23.21 -11.22
N LYS B 13 -26.89 -23.78 -12.31
CA LYS B 13 -26.18 -24.82 -13.06
C LYS B 13 -24.79 -24.26 -13.36
N ASN B 14 -23.75 -25.00 -13.02
CA ASN B 14 -22.38 -24.62 -13.36
C ASN B 14 -21.94 -23.26 -12.91
N GLY B 15 -22.47 -22.72 -11.81
CA GLY B 15 -22.02 -21.46 -11.35
C GLY B 15 -22.48 -21.03 -10.00
N VAL B 16 -21.73 -20.13 -9.41
CA VAL B 16 -22.10 -19.52 -8.13
C VAL B 16 -21.78 -18.02 -8.18
N LEU B 17 -22.74 -17.23 -7.70
CA LEU B 17 -22.48 -15.82 -7.36
C LEU B 17 -22.31 -15.73 -5.86
N TYR B 18 -21.22 -15.12 -5.40
CA TYR B 18 -21.00 -14.92 -3.96
C TYR B 18 -21.45 -13.52 -3.53
N LYS B 19 -21.67 -13.34 -2.23
CA LYS B 19 -22.17 -12.07 -1.71
C LYS B 19 -21.18 -10.92 -1.93
N SER B 20 -19.90 -11.29 -2.00
CA SER B 20 -18.78 -10.38 -2.31
C SER B 20 -18.59 -10.03 -3.78
N GLY B 21 -19.45 -10.57 -4.65
CA GLY B 21 -19.34 -10.31 -6.08
C GLY B 21 -18.48 -11.28 -6.84
N HIS B 22 -17.74 -12.14 -6.17
CA HIS B 22 -17.03 -13.21 -6.86
C HIS B 22 -18.00 -14.08 -7.61
N ILE B 23 -17.49 -14.67 -8.68
CA ILE B 23 -18.27 -15.57 -9.54
C ILE B 23 -17.47 -16.84 -9.78
N LYS B 24 -18.07 -18.00 -9.45
CA LYS B 24 -17.48 -19.27 -9.87
C LYS B 24 -18.12 -19.69 -11.18
N VAL B 25 -17.29 -19.99 -12.18
CA VAL B 25 -17.74 -20.64 -13.41
C VAL B 25 -17.21 -22.06 -13.35
N SER B 26 -18.14 -23.02 -13.42
CA SER B 26 -17.80 -24.41 -13.27
C SER B 26 -17.81 -25.16 -14.58
N ASN B 27 -16.88 -26.10 -14.75
CA ASN B 27 -16.92 -27.06 -15.87
C ASN B 27 -16.79 -26.33 -17.21
N VAL B 28 -15.64 -25.68 -17.35
CA VAL B 28 -15.29 -24.94 -18.55
C VAL B 28 -13.95 -25.49 -19.06
N ARG B 29 -13.67 -25.32 -20.35
CA ARG B 29 -12.39 -25.79 -20.87
C ARG B 29 -11.40 -24.65 -20.76
N CYS B 30 -10.15 -24.92 -20.50
CA CYS B 30 -9.21 -23.81 -20.45
C CYS B 30 -8.28 -23.77 -21.66
N SER B 31 -7.71 -22.59 -21.83
N SER B 31 -7.75 -22.59 -21.88
CA SER B 31 -6.78 -22.31 -22.90
CA SER B 31 -6.70 -22.41 -22.85
C SER B 31 -5.70 -21.39 -22.35
C SER B 31 -5.69 -21.42 -22.34
N TYR B 32 -4.47 -21.52 -22.87
CA TYR B 32 -3.35 -20.65 -22.51
C TYR B 32 -3.17 -20.41 -21.02
N PRO B 33 -3.14 -21.49 -20.23
CA PRO B 33 -2.91 -21.26 -18.81
C PRO B 33 -1.50 -20.71 -18.53
N HIS B 34 -1.44 -19.68 -17.71
CA HIS B 34 -0.20 -19.18 -17.13
C HIS B 34 -0.41 -19.11 -15.63
N LEU B 35 -0.31 -20.28 -15.00
CA LEU B 35 -0.56 -20.41 -13.57
C LEU B 35 0.67 -20.75 -12.77
N ASP B 36 1.70 -21.28 -13.44
CA ASP B 36 2.90 -21.75 -12.76
C ASP B 36 3.81 -20.57 -12.38
N LYS B 37 3.77 -19.53 -13.20
CA LYS B 37 4.54 -18.31 -12.97
C LYS B 37 3.93 -17.22 -13.86
N PRO B 38 4.16 -15.97 -13.50
CA PRO B 38 3.48 -14.92 -14.25
C PRO B 38 4.20 -14.66 -15.56
N TYR B 39 3.46 -14.11 -16.52
CA TYR B 39 3.86 -14.08 -17.92
C TYR B 39 3.74 -12.68 -18.48
N GLY B 40 4.59 -12.38 -19.47
CA GLY B 40 4.46 -11.22 -20.36
C GLY B 40 4.76 -9.85 -19.77
N GLY B 45 6.31 -3.95 -17.96
CA GLY B 45 5.06 -4.02 -17.21
C GLY B 45 4.97 -5.18 -16.22
N GLU B 46 3.88 -5.19 -15.46
CA GLU B 46 3.69 -6.17 -14.39
C GLU B 46 3.35 -7.54 -14.99
N PRO B 47 4.18 -8.55 -14.70
CA PRO B 47 3.81 -9.87 -15.19
C PRO B 47 2.55 -10.34 -14.48
N LYS B 48 1.75 -11.11 -15.20
CA LYS B 48 0.47 -11.56 -14.70
C LYS B 48 0.30 -13.06 -14.85
N TYR B 49 -0.37 -13.66 -13.88
CA TYR B 49 -0.95 -14.98 -14.07
C TYR B 49 -2.23 -14.81 -14.89
N SER B 50 -2.59 -15.83 -15.66
CA SER B 50 -3.75 -15.71 -16.49
C SER B 50 -4.28 -17.03 -16.99
N ILE B 51 -5.51 -17.00 -17.49
CA ILE B 51 -6.11 -18.15 -18.16
C ILE B 51 -7.22 -17.67 -19.05
N THR B 52 -7.50 -18.41 -20.08
CA THR B 52 -8.72 -18.24 -20.84
C THR B 52 -9.63 -19.42 -20.54
N LEU B 53 -10.90 -19.11 -20.33
CA LEU B 53 -11.92 -20.09 -20.03
C LEU B 53 -12.91 -20.13 -21.18
N LEU B 54 -13.21 -21.32 -21.65
CA LEU B 54 -14.11 -21.57 -22.76
C LEU B 54 -15.34 -22.24 -22.16
N MET B 55 -16.42 -21.49 -22.13
CA MET B 55 -17.62 -21.84 -21.39
C MET B 55 -18.72 -22.27 -22.38
N PRO B 56 -19.04 -23.56 -22.45
CA PRO B 56 -20.07 -23.97 -23.40
C PRO B 56 -21.42 -23.24 -23.21
N LYS B 57 -21.92 -22.63 -24.27
CA LYS B 57 -23.14 -21.85 -24.19
C LYS B 57 -24.33 -22.66 -23.72
N ASP B 58 -24.43 -23.88 -24.22
CA ASP B 58 -25.64 -24.70 -23.96
C ASP B 58 -25.84 -25.10 -22.49
N THR B 59 -24.77 -25.12 -21.72
CA THR B 59 -24.82 -25.55 -20.32
C THR B 59 -24.42 -24.44 -19.33
N HIS B 60 -24.29 -23.20 -19.82
CA HIS B 60 -23.84 -22.10 -18.98
C HIS B 60 -24.69 -20.82 -19.12
N GLY B 61 -25.95 -20.96 -19.54
CA GLY B 61 -26.78 -19.81 -19.75
C GLY B 61 -27.04 -19.01 -18.50
N ALA B 62 -27.34 -19.71 -17.40
CA ALA B 62 -27.69 -19.00 -16.18
C ALA B 62 -26.49 -18.24 -15.58
N ILE B 63 -25.33 -18.87 -15.59
CA ILE B 63 -24.14 -18.21 -15.05
C ILE B 63 -23.68 -17.07 -16.00
N LYS B 64 -23.90 -17.24 -17.29
CA LYS B 64 -23.61 -16.13 -18.23
C LYS B 64 -24.49 -14.92 -17.95
N LYS B 65 -25.76 -15.16 -17.67
CA LYS B 65 -26.67 -14.06 -17.31
C LYS B 65 -26.17 -13.34 -16.04
N ILE B 66 -25.76 -14.13 -15.04
CA ILE B 66 -25.17 -13.54 -13.85
C ILE B 66 -23.95 -12.70 -14.17
N ILE B 67 -23.08 -13.23 -15.02
CA ILE B 67 -21.88 -12.47 -15.42
C ILE B 67 -22.30 -11.11 -16.04
N ASP B 68 -23.27 -11.16 -16.94
CA ASP B 68 -23.74 -9.91 -17.55
C ASP B 68 -24.23 -8.92 -16.52
N GLU B 69 -25.01 -9.43 -15.56
CA GLU B 69 -25.53 -8.58 -14.49
C GLU B 69 -24.43 -7.98 -13.64
N GLN B 70 -23.42 -8.79 -13.33
CA GLN B 70 -22.32 -8.32 -12.53
C GLN B 70 -21.42 -7.30 -13.30
N ILE B 71 -21.29 -7.51 -14.60
CA ILE B 71 -20.60 -6.54 -15.45
C ILE B 71 -21.34 -5.18 -15.37
N GLU B 72 -22.66 -5.21 -15.45
CA GLU B 72 -23.42 -3.96 -15.35
C GLU B 72 -23.24 -3.29 -14.00
N LEU B 73 -23.21 -4.07 -12.93
CA LEU B 73 -22.98 -3.50 -11.60
CA LEU B 73 -22.98 -3.53 -11.60
C LEU B 73 -21.59 -2.88 -11.51
N THR B 74 -20.61 -3.54 -12.12
CA THR B 74 -19.24 -3.06 -12.10
C THR B 74 -19.12 -1.72 -12.85
N LYS B 75 -19.80 -1.62 -13.99
CA LYS B 75 -19.85 -0.32 -14.70
C LYS B 75 -20.48 0.76 -13.83
N LYS B 76 -21.60 0.42 -13.18
CA LYS B 76 -22.36 1.40 -12.39
C LYS B 76 -21.53 1.96 -11.26
N ASN B 77 -20.71 1.09 -10.67
CA ASN B 77 -19.98 1.44 -9.46
C ASN B 77 -18.53 1.83 -9.67
N HIS B 78 -18.17 2.12 -10.92
CA HIS B 78 -16.81 2.58 -11.22
C HIS B 78 -16.47 3.87 -10.46
N LYS B 79 -15.20 4.01 -10.11
CA LYS B 79 -14.78 5.07 -9.19
C LYS B 79 -14.89 6.52 -9.72
N THR B 80 -15.02 6.71 -11.04
CA THR B 80 -15.28 8.06 -11.54
C THR B 80 -16.73 8.28 -11.94
N GLY B 81 -17.60 7.41 -11.47
CA GLY B 81 -18.99 7.40 -11.89
C GLY B 81 -19.22 6.35 -12.93
N ALA B 82 -20.48 6.11 -13.28
CA ALA B 82 -20.84 5.04 -14.20
C ALA B 82 -19.97 5.08 -15.45
N LEU B 83 -19.48 3.93 -15.86
CA LEU B 83 -18.53 3.79 -16.96
C LEU B 83 -19.23 3.13 -18.13
N LYS B 84 -19.09 3.74 -19.30
CA LYS B 84 -19.63 3.17 -20.55
C LYS B 84 -18.52 2.36 -21.19
N VAL B 85 -18.78 1.09 -21.47
CA VAL B 85 -17.76 0.20 -22.01
C VAL B 85 -18.31 -0.55 -23.21
N ALA B 86 -17.56 -0.50 -24.30
CA ALA B 86 -17.96 -1.19 -25.53
C ALA B 86 -17.98 -2.70 -25.34
N PRO B 87 -18.86 -3.41 -26.06
CA PRO B 87 -18.89 -4.86 -25.87
C PRO B 87 -17.58 -5.55 -26.16
N SER B 88 -16.77 -4.98 -27.05
CA SER B 88 -15.46 -5.53 -27.37
C SER B 88 -14.38 -5.35 -26.31
N MET B 89 -14.70 -4.60 -25.26
CA MET B 89 -13.76 -4.22 -24.22
C MET B 89 -14.10 -4.86 -22.87
N LEU B 90 -14.83 -5.96 -22.93
CA LEU B 90 -15.13 -6.78 -21.75
C LEU B 90 -14.24 -8.03 -21.71
N PHE B 91 -14.18 -8.61 -20.52
CA PHE B 91 -13.41 -9.83 -20.35
C PHE B 91 -14.08 -11.07 -20.93
N ILE B 92 -15.35 -10.95 -21.31
CA ILE B 92 -16.12 -12.03 -21.91
C ILE B 92 -16.48 -11.70 -23.32
N LYS B 93 -16.28 -12.65 -24.20
CA LYS B 93 -16.54 -12.48 -25.63
C LYS B 93 -17.31 -13.69 -26.13
N ASP B 94 -17.99 -13.51 -27.24
CA ASP B 94 -18.72 -14.57 -27.88
C ASP B 94 -17.78 -15.31 -28.83
N GLY B 95 -17.46 -16.57 -28.55
CA GLY B 95 -16.53 -17.34 -29.39
C GLY B 95 -16.92 -17.47 -30.85
N ASP B 96 -18.21 -17.59 -31.11
CA ASP B 96 -18.72 -17.74 -32.45
C ASP B 96 -18.60 -16.45 -33.26
N VAL B 97 -18.67 -15.31 -32.57
CA VAL B 97 -18.54 -14.02 -33.23
C VAL B 97 -17.07 -13.62 -33.38
N ASP B 98 -16.34 -13.61 -32.27
CA ASP B 98 -14.98 -13.05 -32.22
C ASP B 98 -13.87 -13.99 -32.64
N PHE B 99 -14.10 -15.31 -32.52
CA PHE B 99 -13.05 -16.28 -32.83
C PHE B 99 -13.58 -17.39 -33.71
N PRO B 100 -14.14 -17.01 -34.87
CA PRO B 100 -14.84 -17.99 -35.73
C PRO B 100 -13.99 -19.14 -36.27
N ASP B 101 -12.69 -18.89 -36.45
CA ASP B 101 -11.80 -19.90 -37.01
C ASP B 101 -11.00 -20.68 -35.98
N LYS B 102 -11.40 -20.59 -34.72
CA LYS B 102 -10.83 -21.44 -33.69
C LYS B 102 -11.87 -22.48 -33.28
N PRO B 103 -11.67 -23.77 -33.67
CA PRO B 103 -12.68 -24.79 -33.39
C PRO B 103 -13.02 -24.90 -31.91
N GLU B 104 -12.02 -24.67 -31.07
CA GLU B 104 -12.21 -24.76 -29.62
C GLU B 104 -13.09 -23.64 -29.04
N CYS B 105 -13.35 -22.59 -29.82
CA CYS B 105 -14.19 -21.49 -29.37
C CYS B 105 -15.62 -21.64 -29.91
N GLU B 106 -15.89 -22.65 -30.75
CA GLU B 106 -17.23 -22.84 -31.29
C GLU B 106 -18.23 -23.17 -30.20
N GLY B 107 -19.32 -22.43 -30.17
CA GLY B 107 -20.36 -22.65 -29.16
C GLY B 107 -19.89 -22.28 -27.75
N MET B 108 -18.91 -21.39 -27.62
CA MET B 108 -18.34 -21.01 -26.34
C MET B 108 -18.44 -19.52 -26.06
N TRP B 109 -18.66 -19.16 -24.80
CA TRP B 109 -18.28 -17.86 -24.28
C TRP B 109 -16.80 -17.96 -23.92
N VAL B 110 -16.03 -16.91 -24.20
CA VAL B 110 -14.60 -16.86 -23.96
C VAL B 110 -14.28 -15.83 -22.90
N ILE B 111 -13.77 -16.29 -21.77
CA ILE B 111 -13.44 -15.43 -20.63
C ILE B 111 -11.92 -15.31 -20.45
N SER B 112 -11.41 -14.08 -20.34
CA SER B 112 -10.00 -13.84 -20.04
C SER B 112 -9.89 -13.32 -18.65
N ALA B 113 -9.14 -14.00 -17.81
CA ALA B 113 -9.00 -13.57 -16.42
C ALA B 113 -7.50 -13.55 -16.08
N ARG B 114 -7.09 -12.54 -15.32
CA ARG B 114 -5.67 -12.31 -15.00
C ARG B 114 -5.53 -11.83 -13.59
N GLU B 115 -4.31 -11.94 -13.05
CA GLU B 115 -4.02 -11.41 -11.73
C GLU B 115 -2.53 -11.37 -11.52
N SER B 116 -2.07 -10.37 -10.76
CA SER B 116 -0.67 -10.31 -10.40
C SER B 116 -0.32 -11.25 -9.25
N THR B 117 -1.32 -11.60 -8.43
CA THR B 117 -1.14 -12.53 -7.31
C THR B 117 -1.44 -13.95 -7.80
N ARG B 118 -0.62 -14.92 -7.42
CA ARG B 118 -0.80 -16.32 -7.81
C ARG B 118 -2.20 -16.75 -7.36
N PRO B 119 -3.03 -17.26 -8.30
CA PRO B 119 -4.31 -17.82 -7.87
C PRO B 119 -4.11 -19.14 -7.13
N ASP B 120 -5.10 -19.51 -6.36
CA ASP B 120 -5.11 -20.84 -5.79
C ASP B 120 -5.28 -21.84 -6.93
N VAL B 121 -4.48 -22.90 -6.94
CA VAL B 121 -4.56 -23.93 -7.97
C VAL B 121 -4.76 -25.29 -7.29
N LEU B 122 -5.85 -25.97 -7.65
CA LEU B 122 -6.18 -27.28 -7.07
C LEU B 122 -6.25 -28.33 -8.17
N ASN B 123 -5.79 -29.53 -7.83
CA ASN B 123 -5.92 -30.63 -8.77
C ASN B 123 -7.30 -31.26 -8.70
N MET B 124 -7.52 -32.32 -9.47
CA MET B 124 -8.86 -32.92 -9.57
C MET B 124 -9.38 -33.46 -8.25
N GLU B 125 -8.46 -33.83 -7.34
CA GLU B 125 -8.77 -34.29 -6.00
C GLU B 125 -8.86 -33.19 -4.94
N ARG B 126 -8.95 -31.94 -5.40
CA ARG B 126 -9.12 -30.81 -4.53
C ARG B 126 -7.95 -30.64 -3.58
N GLU B 127 -6.76 -31.00 -4.09
CA GLU B 127 -5.54 -30.81 -3.31
C GLU B 127 -4.77 -29.61 -3.88
N GLU B 128 -4.16 -28.83 -3.00
CA GLU B 128 -3.40 -27.66 -3.38
C GLU B 128 -2.16 -28.07 -4.16
N LEU B 129 -1.95 -27.43 -5.32
CA LEU B 129 -0.72 -27.62 -6.07
C LEU B 129 0.17 -26.45 -5.70
N GLU B 130 1.36 -26.76 -5.19
CA GLU B 130 2.36 -25.76 -4.78
C GLU B 130 3.49 -25.62 -5.80
N SER B 131 3.84 -26.71 -6.46
CA SER B 131 5.01 -26.78 -7.34
C SER B 131 4.70 -26.21 -8.74
N PRO B 132 5.49 -25.22 -9.21
CA PRO B 132 5.22 -24.72 -10.58
C PRO B 132 5.20 -25.82 -11.64
N ASN B 133 6.11 -26.79 -11.59
CA ASN B 133 6.11 -27.83 -12.62
C ASN B 133 4.79 -28.66 -12.54
N GLU B 134 4.37 -29.03 -11.34
CA GLU B 134 3.14 -29.80 -11.20
C GLU B 134 1.93 -28.99 -11.71
N ILE B 135 1.94 -27.69 -11.41
CA ILE B 135 0.90 -26.78 -11.93
C ILE B 135 0.83 -26.77 -13.46
N ALA B 136 1.98 -26.61 -14.12
CA ALA B 136 2.02 -26.62 -15.59
C ALA B 136 1.62 -27.94 -16.22
N GLU B 137 2.00 -29.04 -15.58
CA GLU B 137 1.67 -30.38 -16.06
C GLU B 137 0.20 -30.72 -15.90
N GLU B 138 -0.36 -30.39 -14.73
CA GLU B 138 -1.73 -30.76 -14.36
C GLU B 138 -2.74 -29.95 -15.18
N ILE B 139 -2.54 -28.65 -15.28
CA ILE B 139 -3.55 -27.77 -15.92
C ILE B 139 -2.99 -27.26 -17.23
N TYR B 140 -3.30 -28.01 -18.27
CA TYR B 140 -2.77 -27.77 -19.62
C TYR B 140 -3.94 -27.24 -20.44
N GLY B 141 -3.65 -26.44 -21.45
CA GLY B 141 -4.72 -25.98 -22.33
C GLY B 141 -5.41 -27.17 -22.95
N GLY B 142 -6.74 -27.17 -22.89
CA GLY B 142 -7.57 -28.28 -23.32
C GLY B 142 -8.22 -29.06 -22.20
N CYS B 143 -7.70 -28.99 -20.98
CA CYS B 143 -8.33 -29.67 -19.85
C CYS B 143 -9.55 -28.84 -19.39
N TRP B 144 -10.37 -29.44 -18.53
CA TRP B 144 -11.53 -28.80 -17.95
C TRP B 144 -11.21 -28.36 -16.56
N VAL B 145 -11.77 -27.21 -16.17
CA VAL B 145 -11.54 -26.58 -14.89
C VAL B 145 -12.83 -25.93 -14.39
N SER B 146 -12.78 -25.49 -13.13
CA SER B 146 -13.71 -24.51 -12.59
C SER B 146 -12.86 -23.37 -12.06
N SER B 147 -13.40 -22.17 -12.03
CA SER B 147 -12.59 -21.02 -11.67
C SER B 147 -13.41 -19.96 -10.95
N VAL B 148 -12.80 -19.29 -9.99
CA VAL B 148 -13.40 -18.14 -9.35
C VAL B 148 -12.70 -16.88 -9.91
N ILE B 149 -13.56 -15.98 -10.39
CA ILE B 149 -13.17 -14.69 -10.92
C ILE B 149 -13.93 -13.55 -10.26
N ARG B 150 -13.52 -12.31 -10.52
CA ARG B 150 -14.34 -11.18 -10.09
C ARG B 150 -14.08 -10.01 -11.04
N PRO B 151 -15.14 -9.33 -11.50
CA PRO B 151 -14.90 -8.18 -12.41
C PRO B 151 -14.29 -6.99 -11.71
N TRP B 152 -13.65 -6.14 -12.51
CA TRP B 152 -13.19 -4.83 -12.06
C TRP B 152 -13.16 -3.90 -13.28
N SER B 153 -13.34 -2.62 -13.01
CA SER B 153 -13.37 -1.61 -14.07
C SER B 153 -12.04 -0.87 -14.21
N GLN B 154 -11.76 -0.48 -15.46
CA GLN B 154 -10.52 0.22 -15.79
C GLN B 154 -10.81 1.34 -16.75
N GLU B 155 -10.36 2.53 -16.39
CA GLU B 155 -10.52 3.73 -17.22
C GLU B 155 -9.20 4.47 -17.23
N ASN B 156 -8.65 4.69 -18.42
CA ASN B 156 -7.46 5.53 -18.57
C ASN B 156 -7.49 6.17 -19.93
N LYS B 157 -6.43 6.88 -20.29
CA LYS B 157 -6.40 7.60 -21.56
C LYS B 157 -6.51 6.72 -22.80
N TYR B 158 -6.22 5.44 -22.65
CA TYR B 158 -6.28 4.49 -23.77
C TYR B 158 -7.61 3.82 -23.97
N GLY B 159 -8.48 3.84 -22.96
CA GLY B 159 -9.76 3.20 -23.11
C GLY B 159 -10.42 2.83 -21.81
N LYS B 160 -11.57 2.18 -21.96
CA LYS B 160 -12.44 1.81 -20.86
C LYS B 160 -12.71 0.31 -21.01
N ARG B 161 -12.52 -0.42 -19.91
CA ARG B 161 -12.64 -1.89 -19.93
C ARG B 161 -13.33 -2.39 -18.66
N ILE B 162 -13.98 -3.55 -18.78
CA ILE B 162 -14.30 -4.38 -17.60
C ILE B 162 -13.46 -5.64 -17.75
N ASN B 163 -12.57 -5.80 -16.78
CA ASN B 163 -11.63 -6.92 -16.69
C ASN B 163 -12.13 -7.92 -15.63
N ALA B 164 -11.46 -9.06 -15.58
CA ALA B 164 -11.76 -10.08 -14.56
C ALA B 164 -10.47 -10.48 -13.84
N ASN B 165 -10.51 -10.34 -12.51
CA ASN B 165 -9.48 -10.94 -11.65
C ASN B 165 -9.62 -12.46 -11.63
N LEU B 166 -8.47 -13.15 -11.69
CA LEU B 166 -8.41 -14.60 -11.58
C LEU B 166 -8.01 -14.96 -10.15
N LEU B 167 -8.92 -15.60 -9.41
CA LEU B 167 -8.65 -15.91 -8.02
C LEU B 167 -8.32 -17.36 -7.74
N SER B 168 -8.94 -18.28 -8.46
CA SER B 168 -8.64 -19.70 -8.24
C SER B 168 -8.99 -20.51 -9.47
N VAL B 169 -8.29 -21.64 -9.62
CA VAL B 169 -8.52 -22.63 -10.68
C VAL B 169 -8.51 -24.02 -10.04
N LEU B 170 -9.54 -24.82 -10.33
CA LEU B 170 -9.67 -26.18 -9.88
C LEU B 170 -9.72 -27.07 -11.10
N LYS B 171 -8.81 -28.03 -11.22
CA LYS B 171 -8.91 -28.97 -12.33
C LYS B 171 -10.14 -29.85 -12.17
N ARG B 172 -10.85 -30.10 -13.26
CA ARG B 172 -12.05 -30.94 -13.25
C ARG B 172 -11.94 -32.24 -14.03
N LYS B 173 -11.34 -32.20 -15.23
CA LYS B 173 -11.33 -33.37 -16.10
C LYS B 173 -10.21 -33.22 -17.10
N ASP B 174 -9.58 -34.34 -17.47
CA ASP B 174 -8.65 -34.35 -18.59
C ASP B 174 -9.41 -34.36 -19.89
N ASP B 175 -8.75 -33.88 -20.94
CA ASP B 175 -9.31 -33.92 -22.30
C ASP B 175 -8.13 -33.73 -23.26
N GLU B 176 -8.40 -33.78 -24.57
CA GLU B 176 -7.31 -33.64 -25.54
C GLU B 176 -6.64 -32.26 -25.38
N PRO B 177 -5.29 -32.23 -25.36
CA PRO B 177 -4.63 -30.92 -25.28
C PRO B 177 -4.76 -30.10 -26.55
N PHE B 178 -4.93 -28.79 -26.38
CA PHE B 178 -4.93 -27.86 -27.52
C PHE B 178 -3.52 -27.68 -28.10
N GLY C 1 16.34 16.14 14.35
CA GLY C 1 17.33 15.84 13.28
C GLY C 1 18.60 16.66 13.41
N LEU C 2 19.33 16.81 12.30
CA LEU C 2 20.60 17.54 12.33
C LEU C 2 20.38 19.05 12.50
N ALA C 3 21.19 19.66 13.36
CA ALA C 3 21.17 21.11 13.57
C ALA C 3 22.54 21.79 13.39
N GLU C 4 23.50 21.08 12.79
CA GLU C 4 24.85 21.64 12.54
C GLU C 4 25.44 21.05 11.26
N LYS C 5 26.37 21.80 10.67
CA LYS C 5 27.11 21.34 9.50
C LYS C 5 27.82 20.01 9.76
N LEU C 6 27.89 19.17 8.73
CA LEU C 6 28.64 17.90 8.77
C LEU C 6 29.90 18.02 7.91
N VAL C 7 31.04 17.93 8.57
CA VAL C 7 32.33 18.12 7.94
C VAL C 7 33.06 16.79 8.06
N PRO C 8 33.29 16.11 6.92
CA PRO C 8 34.01 14.85 7.05
C PRO C 8 35.40 14.93 7.71
N ALA C 9 35.67 14.01 8.64
CA ALA C 9 37.00 13.84 9.23
C ALA C 9 37.73 12.62 8.70
N LYS C 10 37.01 11.51 8.54
CA LYS C 10 37.54 10.29 7.97
C LYS C 10 36.45 9.64 7.14
N LYS C 11 36.79 9.27 5.91
CA LYS C 11 35.85 8.60 4.99
C LYS C 11 36.39 7.20 4.75
N VAL C 12 35.52 6.20 4.89
CA VAL C 12 35.89 4.80 4.64
C VAL C 12 34.82 4.17 3.80
N LYS C 13 35.08 2.94 3.39
CA LYS C 13 34.05 2.15 2.75
C LYS C 13 32.82 2.13 3.67
N ASN C 14 31.67 2.48 3.14
CA ASN C 14 30.39 2.41 3.85
C ASN C 14 30.30 3.27 5.09
N GLY C 15 31.09 4.34 5.18
CA GLY C 15 30.94 5.19 6.34
C GLY C 15 31.74 6.46 6.37
N VAL C 16 31.32 7.37 7.26
CA VAL C 16 32.04 8.64 7.45
C VAL C 16 32.02 8.95 8.96
N LEU C 17 33.18 9.35 9.47
CA LEU C 17 33.29 10.02 10.74
C LEU C 17 33.37 11.52 10.48
N TYR C 18 32.50 12.28 11.12
CA TYR C 18 32.52 13.73 10.96
C TYR C 18 33.28 14.37 12.10
N LYS C 19 33.76 15.59 11.87
CA LYS C 19 34.52 16.33 12.89
C LYS C 19 33.74 16.54 14.17
N SER C 20 32.41 16.60 14.05
CA SER C 20 31.51 16.81 15.19
C SER C 20 31.23 15.56 16.02
N GLY C 21 31.77 14.41 15.57
CA GLY C 21 31.55 13.15 16.23
C GLY C 21 30.34 12.39 15.71
N HIS C 22 29.54 12.99 14.84
CA HIS C 22 28.50 12.25 14.16
C HIS C 22 29.18 11.19 13.28
N ILE C 23 28.46 10.11 13.06
CA ILE C 23 28.94 8.97 12.28
C ILE C 23 27.88 8.62 11.24
N LYS C 24 28.28 8.52 9.97
CA LYS C 24 27.39 8.01 8.94
C LYS C 24 27.73 6.54 8.72
N VAL C 25 26.71 5.70 8.81
CA VAL C 25 26.78 4.31 8.41
C VAL C 25 25.97 4.18 7.14
N SER C 26 26.59 3.66 6.09
N SER C 26 26.60 3.79 6.04
CA SER C 26 26.00 3.63 4.77
CA SER C 26 25.92 3.69 4.75
C SER C 26 25.76 2.22 4.27
C SER C 26 25.75 2.25 4.28
N ASN C 27 24.72 2.06 3.46
CA ASN C 27 24.38 0.77 2.85
C ASN C 27 24.17 -0.35 3.85
N VAL C 28 23.18 -0.11 4.69
CA VAL C 28 22.78 -1.04 5.72
C VAL C 28 21.29 -1.31 5.55
N ARG C 29 20.85 -2.48 6.00
CA ARG C 29 19.45 -2.83 5.89
C ARG C 29 18.81 -2.41 7.16
N CYS C 30 17.59 -1.91 7.09
CA CYS C 30 16.95 -1.48 8.30
C CYS C 30 15.87 -2.42 8.75
N SER C 31 15.56 -2.33 10.04
N SER C 31 15.54 -2.26 10.03
CA SER C 31 14.45 -3.07 10.63
CA SER C 31 14.52 -3.05 10.70
C SER C 31 13.81 -2.19 11.68
C SER C 31 13.80 -2.15 11.69
N TYR C 32 12.52 -2.45 11.91
CA TYR C 32 11.71 -1.73 12.91
C TYR C 32 11.84 -0.19 12.85
N PRO C 33 11.65 0.39 11.66
CA PRO C 33 11.68 1.85 11.64
C PRO C 33 10.49 2.47 12.37
N HIS C 34 10.79 3.48 13.18
CA HIS C 34 9.79 4.34 13.84
C HIS C 34 10.15 5.77 13.56
N LEU C 35 9.82 6.21 12.35
CA LEU C 35 10.24 7.51 11.82
C LEU C 35 9.08 8.46 11.58
N ASP C 36 7.91 7.92 11.27
CA ASP C 36 6.73 8.75 10.97
C ASP C 36 6.14 9.32 12.24
N LYS C 37 6.29 8.56 13.33
CA LYS C 37 5.80 8.93 14.65
C LYS C 37 6.64 8.16 15.70
N PRO C 38 6.78 8.71 16.91
CA PRO C 38 7.58 8.02 17.91
C PRO C 38 6.80 6.89 18.54
N TYR C 39 7.53 6.02 19.25
CA TYR C 39 6.99 4.77 19.75
C TYR C 39 7.38 4.64 21.20
N GLY C 40 6.43 4.17 21.99
CA GLY C 40 6.65 3.96 23.39
C GLY C 40 5.92 4.99 24.23
N GLY C 41 6.36 5.11 25.46
CA GLY C 41 5.80 6.02 26.44
C GLY C 41 4.90 5.37 27.47
N GLU C 42 4.63 4.07 27.36
CA GLU C 42 3.77 3.42 28.33
C GLU C 42 4.23 3.68 29.79
N ASP C 43 5.56 3.62 29.97
CA ASP C 43 6.10 3.84 31.35
C ASP C 43 6.24 5.29 31.84
N GLY C 44 6.05 6.26 30.97
CA GLY C 44 6.12 7.68 31.38
C GLY C 44 7.27 8.47 30.82
N GLY C 45 8.12 7.80 30.02
CA GLY C 45 9.23 8.46 29.38
C GLY C 45 8.89 9.03 28.02
N GLU C 46 9.92 9.57 27.39
CA GLU C 46 9.77 10.26 26.11
C GLU C 46 9.65 9.18 25.03
N PRO C 47 8.48 9.04 24.35
CA PRO C 47 8.40 8.12 23.19
C PRO C 47 9.55 8.45 22.31
N LYS C 48 10.02 7.48 21.54
CA LYS C 48 11.20 7.67 20.73
C LYS C 48 10.97 7.33 19.30
N TYR C 49 11.54 8.14 18.41
CA TYR C 49 11.81 7.73 17.05
C TYR C 49 13.01 6.79 17.07
N SER C 50 13.00 5.80 16.18
CA SER C 50 14.08 4.82 16.25
C SER C 50 14.22 4.03 14.97
N ILE C 51 15.34 3.35 14.86
CA ILE C 51 15.56 2.40 13.80
C ILE C 51 16.61 1.41 14.24
N THR C 52 16.53 0.21 13.69
CA THR C 52 17.57 -0.77 13.83
C THR C 52 18.30 -0.86 12.47
N LEU C 53 19.63 -0.81 12.52
CA LEU C 53 20.46 -0.88 11.31
C LEU C 53 21.22 -2.20 11.35
N LEU C 54 21.17 -2.93 10.25
CA LEU C 54 21.79 -4.23 10.11
C LEU C 54 22.99 -4.07 9.19
N MET C 55 24.21 -4.09 9.74
CA MET C 55 25.44 -3.83 8.99
C MET C 55 26.11 -5.15 8.70
N PRO C 56 26.15 -5.55 7.43
CA PRO C 56 26.81 -6.83 7.15
C PRO C 56 28.26 -6.81 7.57
N LYS C 57 28.66 -7.80 8.35
CA LYS C 57 30.00 -7.86 8.87
C LYS C 57 31.03 -7.87 7.74
N ASP C 58 30.74 -8.62 6.67
CA ASP C 58 31.73 -8.83 5.62
C ASP C 58 32.03 -7.61 4.76
N THR C 59 31.18 -6.57 4.84
CA THR C 59 31.36 -5.36 4.06
C THR C 59 31.50 -4.08 4.88
N HIS C 60 31.45 -4.17 6.20
CA HIS C 60 31.40 -2.97 7.06
C HIS C 60 32.47 -2.95 8.17
N GLY C 61 33.59 -3.64 7.96
CA GLY C 61 34.60 -3.67 8.99
C GLY C 61 35.22 -2.33 9.34
N ALA C 62 35.51 -1.53 8.32
CA ALA C 62 36.21 -0.26 8.58
C ALA C 62 35.31 0.69 9.38
N ILE C 63 34.03 0.77 9.00
CA ILE C 63 33.12 1.64 9.73
C ILE C 63 32.81 1.08 11.11
N LYS C 64 32.74 -0.25 11.25
CA LYS C 64 32.56 -0.82 12.57
C LYS C 64 33.74 -0.49 13.50
N LYS C 65 34.95 -0.49 12.95
CA LYS C 65 36.12 -0.11 13.75
C LYS C 65 36.03 1.34 14.22
N ILE C 66 35.60 2.24 13.33
CA ILE C 66 35.40 3.61 13.73
C ILE C 66 34.35 3.70 14.84
N ILE C 67 33.25 2.97 14.68
CA ILE C 67 32.24 2.94 15.74
C ILE C 67 32.83 2.52 17.09
N ASP C 68 33.59 1.43 17.07
CA ASP C 68 34.22 0.98 18.31
C ASP C 68 35.13 2.05 18.92
N GLU C 69 35.92 2.69 18.07
CA GLU C 69 36.79 3.78 18.53
C GLU C 69 36.01 4.95 19.11
N GLN C 70 34.91 5.31 18.47
CA GLN C 70 34.09 6.40 18.97
C GLN C 70 33.37 6.03 20.26
N ILE C 71 32.97 4.77 20.38
CA ILE C 71 32.41 4.29 21.66
C ILE C 71 33.46 4.44 22.78
N GLU C 72 34.70 4.02 22.52
CA GLU C 72 35.75 4.21 23.50
C GLU C 72 35.99 5.68 23.86
N LEU C 73 35.99 6.56 22.86
CA LEU C 73 36.14 8.01 23.11
C LEU C 73 35.00 8.54 23.98
N THR C 74 33.79 8.05 23.70
CA THR C 74 32.62 8.47 24.46
C THR C 74 32.68 8.02 25.91
N LYS C 75 33.14 6.79 26.13
CA LYS C 75 33.39 6.33 27.50
C LYS C 75 34.41 7.20 28.20
N LYS C 76 35.53 7.46 27.51
CA LYS C 76 36.69 8.21 28.07
C LYS C 76 36.30 9.62 28.51
N ASN C 77 35.45 10.24 27.70
CA ASN C 77 35.04 11.63 27.93
C ASN C 77 33.80 11.86 28.82
N HIS C 78 33.23 10.81 29.40
CA HIS C 78 31.99 10.95 30.17
C HIS C 78 32.03 11.96 31.34
N LEU C 83 34.02 5.87 31.86
CA LEU C 83 32.83 5.09 32.19
C LEU C 83 32.97 3.61 31.74
N LYS C 84 32.80 2.67 32.68
CA LYS C 84 32.73 1.23 32.36
C LYS C 84 31.31 0.85 31.91
N VAL C 85 31.21 0.17 30.76
CA VAL C 85 29.92 -0.23 30.18
C VAL C 85 29.98 -1.67 29.71
N ALA C 86 28.99 -2.47 30.12
CA ALA C 86 28.89 -3.87 29.72
C ALA C 86 28.56 -3.98 28.24
N PRO C 87 29.03 -5.06 27.56
CA PRO C 87 28.72 -5.21 26.12
C PRO C 87 27.22 -5.21 25.82
N SER C 88 26.41 -5.69 26.74
CA SER C 88 24.95 -5.69 26.57
C SER C 88 24.30 -4.31 26.61
N MET C 89 25.07 -3.31 27.05
CA MET C 89 24.59 -1.95 27.26
C MET C 89 25.12 -0.92 26.24
N LEU C 90 25.64 -1.41 25.13
CA LEU C 90 26.02 -0.57 23.99
C LEU C 90 24.96 -0.57 22.90
N PHE C 91 25.00 0.45 22.07
CA PHE C 91 24.07 0.55 20.95
C PHE C 91 24.35 -0.38 19.78
N ILE C 92 25.55 -0.98 19.78
CA ILE C 92 25.94 -1.92 18.76
C ILE C 92 26.09 -3.31 19.36
N LYS C 93 25.50 -4.29 18.70
CA LYS C 93 25.50 -5.68 19.13
C LYS C 93 25.85 -6.60 18.00
N ASP C 94 26.20 -7.83 18.35
CA ASP C 94 26.63 -8.87 17.41
C ASP C 94 25.40 -9.70 17.03
N GLY C 95 24.95 -9.58 15.79
CA GLY C 95 23.75 -10.32 15.34
C GLY C 95 23.82 -11.82 15.62
N ASP C 96 24.99 -12.40 15.42
CA ASP C 96 25.17 -13.84 15.54
C ASP C 96 25.16 -14.34 16.97
N VAL C 97 25.65 -13.53 17.89
CA VAL C 97 25.82 -13.92 19.28
C VAL C 97 24.66 -13.38 20.13
N ASP C 98 24.28 -12.13 19.93
CA ASP C 98 23.25 -11.50 20.71
C ASP C 98 21.86 -11.82 20.20
N PHE C 99 21.72 -12.07 18.89
CA PHE C 99 20.43 -12.34 18.22
C PHE C 99 20.42 -13.63 17.38
N PRO C 100 20.87 -14.78 17.98
CA PRO C 100 21.09 -16.01 17.17
C PRO C 100 19.84 -16.64 16.58
N ASP C 101 18.70 -16.25 17.13
CA ASP C 101 17.40 -16.73 16.64
C ASP C 101 16.65 -15.75 15.75
N LYS C 102 17.32 -14.68 15.34
CA LYS C 102 16.72 -13.73 14.42
C LYS C 102 17.43 -13.85 13.09
N PRO C 103 16.81 -14.50 12.10
CA PRO C 103 17.56 -14.77 10.89
C PRO C 103 18.08 -13.55 10.15
N GLU C 104 17.34 -12.44 10.23
CA GLU C 104 17.76 -11.19 9.57
C GLU C 104 19.02 -10.58 10.19
N CYS C 105 19.39 -11.01 11.41
CA CYS C 105 20.60 -10.56 12.08
C CYS C 105 21.81 -11.42 11.79
N GLU C 106 21.66 -12.52 11.04
CA GLU C 106 22.78 -13.42 10.78
C GLU C 106 23.88 -12.69 9.98
N GLY C 107 25.11 -12.75 10.47
CA GLY C 107 26.24 -12.10 9.84
C GLY C 107 26.16 -10.58 9.89
N MET C 108 25.43 -10.02 10.86
CA MET C 108 25.25 -8.57 10.97
C MET C 108 25.76 -8.03 12.28
N TRP C 109 26.24 -6.80 12.25
CA TRP C 109 26.26 -5.94 13.43
C TRP C 109 24.91 -5.25 13.47
N VAL C 110 24.41 -5.11 14.68
CA VAL C 110 23.07 -4.60 14.87
C VAL C 110 23.16 -3.31 15.68
N ILE C 111 22.75 -2.20 15.05
CA ILE C 111 22.79 -0.89 15.71
C ILE C 111 21.37 -0.44 16.01
N SER C 112 21.15 0.01 17.25
CA SER C 112 19.89 0.62 17.70
C SER C 112 20.17 2.10 17.89
N ALA C 113 19.47 2.93 17.12
CA ALA C 113 19.63 4.38 17.22
C ALA C 113 18.22 4.99 17.49
N ARG C 114 18.13 5.92 18.43
CA ARG C 114 16.86 6.40 18.95
C ARG C 114 16.98 7.88 19.20
N GLU C 115 15.83 8.55 19.26
CA GLU C 115 15.82 9.95 19.59
C GLU C 115 14.43 10.42 19.94
N SER C 116 14.34 11.36 20.85
CA SER C 116 13.06 12.00 21.18
CA SER C 116 13.04 11.97 21.15
C SER C 116 12.57 12.94 20.06
N THR C 117 13.51 13.50 19.32
CA THR C 117 13.24 14.46 18.24
C THR C 117 13.18 13.74 16.91
N ARG C 118 12.26 14.11 16.02
CA ARG C 118 12.14 13.44 14.71
C ARG C 118 13.44 13.58 13.91
N PRO C 119 13.99 12.46 13.43
CA PRO C 119 15.16 12.58 12.57
C PRO C 119 14.83 13.11 11.18
N ASP C 120 15.83 13.61 10.47
CA ASP C 120 15.67 13.94 9.05
C ASP C 120 15.43 12.63 8.29
N VAL C 121 14.49 12.62 7.35
CA VAL C 121 14.22 11.39 6.58
C VAL C 121 14.25 11.81 5.13
N LEU C 122 15.07 11.13 4.33
CA LEU C 122 15.24 11.47 2.93
C LEU C 122 14.92 10.28 2.01
N ASN C 123 14.27 10.59 0.90
CA ASN C 123 14.00 9.57 -0.13
C ASN C 123 15.24 9.25 -1.00
N MET C 124 15.08 8.32 -1.95
CA MET C 124 16.19 7.87 -2.77
C MET C 124 16.75 8.97 -3.67
N GLU C 125 15.92 9.98 -3.93
CA GLU C 125 16.35 11.19 -4.68
C GLU C 125 17.00 12.25 -3.77
N ARG C 126 17.23 11.88 -2.52
CA ARG C 126 17.85 12.74 -1.53
C ARG C 126 17.05 13.99 -1.24
N GLU C 127 15.72 13.88 -1.29
CA GLU C 127 14.80 14.94 -0.86
C GLU C 127 14.28 14.73 0.56
N GLU C 128 14.17 15.82 1.31
CA GLU C 128 13.75 15.78 2.71
C GLU C 128 12.23 15.59 2.72
N LEU C 129 11.82 14.58 3.51
CA LEU C 129 10.41 14.31 3.69
C LEU C 129 9.91 14.90 4.99
N GLU C 130 8.65 15.32 4.97
CA GLU C 130 8.02 15.87 6.17
C GLU C 130 6.71 15.17 6.47
N SER C 131 5.99 14.73 5.44
CA SER C 131 4.70 14.05 5.66
C SER C 131 4.89 12.67 6.32
N PRO C 132 4.26 12.44 7.48
CA PRO C 132 4.35 11.13 8.14
C PRO C 132 3.93 9.94 7.28
N ASN C 133 2.82 10.05 6.56
CA ASN C 133 2.39 8.96 5.68
C ASN C 133 3.49 8.61 4.63
N GLU C 134 4.15 9.62 4.08
CA GLU C 134 5.22 9.43 3.09
C GLU C 134 6.45 8.76 3.69
N ILE C 135 6.79 9.23 4.88
CA ILE C 135 7.92 8.70 5.60
C ILE C 135 7.70 7.21 5.88
N ALA C 136 6.49 6.88 6.33
CA ALA C 136 6.12 5.50 6.62
C ALA C 136 6.23 4.56 5.42
N GLU C 137 5.76 4.98 4.26
CA GLU C 137 5.85 4.09 3.10
C GLU C 137 7.24 4.04 2.45
N GLU C 138 8.01 5.12 2.55
CA GLU C 138 9.33 5.22 1.95
C GLU C 138 10.30 4.19 2.63
N ILE C 139 10.32 4.20 3.95
CA ILE C 139 11.30 3.44 4.74
C ILE C 139 10.58 2.36 5.56
N TYR C 140 10.64 1.17 5.03
CA TYR C 140 10.02 -0.01 5.61
C TYR C 140 11.15 -0.96 6.04
N GLY C 141 10.89 -1.78 7.05
CA GLY C 141 11.88 -2.75 7.48
C GLY C 141 12.19 -3.71 6.34
N GLY C 142 13.47 -3.85 6.03
CA GLY C 142 13.92 -4.64 4.91
C GLY C 142 14.55 -3.81 3.79
N CYS C 143 14.23 -2.52 3.69
CA CYS C 143 14.91 -1.68 2.71
C CYS C 143 16.32 -1.34 3.21
N TRP C 144 17.11 -0.78 2.29
CA TRP C 144 18.45 -0.35 2.60
C TRP C 144 18.48 1.15 2.75
N VAL C 145 19.27 1.60 3.72
CA VAL C 145 19.40 3.01 4.04
C VAL C 145 20.88 3.36 4.35
N SER C 146 21.12 4.65 4.49
CA SER C 146 22.27 5.20 5.17
C SER C 146 21.76 6.07 6.31
N SER C 147 22.52 6.18 7.38
CA SER C 147 22.01 6.88 8.54
C SER C 147 23.11 7.57 9.29
N VAL C 148 22.81 8.77 9.79
CA VAL C 148 23.75 9.51 10.61
C VAL C 148 23.30 9.38 12.06
N ILE C 149 24.25 8.95 12.90
CA ILE C 149 24.03 8.72 14.33
C ILE C 149 25.11 9.45 15.12
N ARG C 150 24.96 9.51 16.44
CA ARG C 150 26.03 10.05 17.27
C ARG C 150 25.98 9.41 18.64
N PRO C 151 27.12 8.87 19.09
CA PRO C 151 27.09 8.26 20.43
C PRO C 151 26.92 9.26 21.57
N TRP C 152 26.40 8.78 22.68
CA TRP C 152 26.36 9.55 23.93
C TRP C 152 26.37 8.59 25.12
N SER C 153 26.96 9.03 26.22
CA SER C 153 27.08 8.22 27.41
C SER C 153 25.98 8.51 28.41
N GLN C 154 25.58 7.46 29.10
CA GLN C 154 24.52 7.53 30.13
C GLN C 154 24.99 6.82 31.40
N GLU C 155 24.90 7.53 32.51
CA GLU C 155 25.17 6.98 33.81
C GLU C 155 24.11 7.55 34.73
N ASN C 156 23.15 6.73 35.14
CA ASN C 156 22.15 7.20 36.07
C ASN C 156 21.81 6.07 36.99
N LYS C 157 20.78 6.28 37.81
CA LYS C 157 20.42 5.26 38.78
C LYS C 157 20.06 3.90 38.20
N TYR C 158 19.64 3.85 36.94
CA TYR C 158 19.27 2.59 36.28
C TYR C 158 20.38 1.86 35.53
N GLY C 159 21.54 2.49 35.36
CA GLY C 159 22.69 1.80 34.80
C GLY C 159 23.57 2.69 33.98
N LYS C 160 24.51 2.06 33.29
CA LYS C 160 25.51 2.74 32.49
C LYS C 160 25.39 2.19 31.08
N ARG C 161 25.28 3.10 30.10
CA ARG C 161 25.12 2.74 28.71
C ARG C 161 25.90 3.67 27.78
N ILE C 162 26.21 3.19 26.59
CA ILE C 162 26.55 4.05 25.47
C ILE C 162 25.43 3.86 24.44
N ASN C 163 24.72 4.96 24.21
CA ASN C 163 23.56 5.06 23.31
C ASN C 163 23.94 5.79 22.02
N ALA C 164 23.05 5.69 21.03
CA ALA C 164 23.26 6.42 19.76
C ALA C 164 22.02 7.21 19.45
N ASN C 165 22.20 8.51 19.35
CA ASN C 165 21.18 9.37 18.81
C ASN C 165 21.03 9.11 17.32
N LEU C 166 19.78 9.13 16.86
CA LEU C 166 19.44 8.98 15.44
C LEU C 166 19.13 10.35 14.86
N LEU C 167 19.98 10.81 13.92
CA LEU C 167 19.83 12.12 13.33
C LEU C 167 19.22 12.15 11.95
N SER C 168 19.57 11.20 11.10
N SER C 168 19.53 11.16 11.13
CA SER C 168 18.99 11.15 9.75
CA SER C 168 19.12 11.16 9.72
C SER C 168 18.96 9.73 9.23
C SER C 168 18.98 9.73 9.22
N VAL C 169 18.00 9.49 8.34
CA VAL C 169 17.85 8.22 7.62
C VAL C 169 17.61 8.58 6.16
N LEU C 170 18.45 8.03 5.26
CA LEU C 170 18.37 8.24 3.83
C LEU C 170 18.09 6.90 3.14
N LYS C 171 17.00 6.83 2.39
CA LYS C 171 16.73 5.62 1.64
C LYS C 171 17.76 5.38 0.54
N ARG C 172 18.25 4.16 0.41
CA ARG C 172 19.27 3.78 -0.60
C ARG C 172 18.74 2.81 -1.65
N LYS C 173 18.03 1.77 -1.23
CA LYS C 173 17.48 0.79 -2.15
C LYS C 173 16.32 0.01 -1.57
N ASP C 174 15.42 -0.41 -2.45
CA ASP C 174 14.33 -1.32 -2.07
C ASP C 174 14.87 -2.74 -1.98
N ASP C 175 14.25 -3.54 -1.11
CA ASP C 175 14.53 -4.96 -1.03
C ASP C 175 13.30 -5.58 -0.40
N GLU C 176 13.32 -6.89 -0.22
CA GLU C 176 12.15 -7.55 0.27
C GLU C 176 11.81 -7.11 1.70
N PRO C 177 10.52 -6.81 1.96
CA PRO C 177 10.18 -6.38 3.31
C PRO C 177 10.29 -7.51 4.33
N PHE C 178 10.68 -7.15 5.54
CA PHE C 178 10.69 -8.10 6.67
C PHE C 178 9.27 -8.29 7.20
P PO4 D . -12.07 -0.05 -6.38
O1 PO4 D . -12.55 1.32 -6.46
O2 PO4 D . -13.02 -0.83 -7.29
O3 PO4 D . -10.60 -0.24 -6.79
O4 PO4 D . -12.24 -0.63 -4.97
C1 GOL E . -5.17 1.37 -6.96
O1 GOL E . -4.05 2.23 -6.76
C2 GOL E . -6.50 2.06 -6.59
O2 GOL E . -6.58 3.39 -7.15
C3 GOL E . -7.63 1.13 -7.03
O3 GOL E . -8.92 1.74 -7.11
C1 GOL F . -7.77 -3.74 -9.75
O1 GOL F . -7.96 -2.85 -8.66
C2 GOL F . -7.15 -5.01 -9.23
O2 GOL F . -8.12 -5.76 -8.44
C3 GOL F . -6.60 -5.81 -10.40
O3 GOL F . -6.00 -7.05 -10.00
#